data_4NHB
#
_entry.id   4NHB
#
_cell.length_a   53.090
_cell.length_b   83.407
_cell.length_c   65.043
_cell.angle_alpha   90.000
_cell.angle_beta   91.830
_cell.angle_gamma   90.000
#
_symmetry.space_group_name_H-M   'P 1 21 1'
#
loop_
_entity.id
_entity.type
_entity.pdbx_description
1 polymer 'TRAP dicarboxylate transporter-DctP subunit'
2 non-polymer 'IODIDE ION'
3 non-polymer SN-GLYCEROL-3-PHOSPHATE
4 water water
#
_entity_poly.entity_id   1
_entity_poly.type   'polypeptide(L)'
_entity_poly.pdbx_seq_one_letter_code
;MKRLVALFVAVGLICGLALSTAPTAGAATVIKMAGMKPEGEPETIGMHLFGKYLKELSNGKYEVQVFPNSQLGKEDAYIA
ATRKGIIQMCATGTQTSALHPAMAMLETPMLFDNLDHARRAMEGKTFDLINEGFTEKSGLRTLNAFPLGFRHFYSKKPIK
DVKDLEGMRMRVPNIPLYTNFAKECGISGQPMPFAEVPGALDQGVIDGGDSPLADIVSLKMYEITPEISLSGHILVIHSL
YINDKFFKSLPEQDQKWIEEAAKRSADDVWAMVADGDEKAKATILANKGNIHEPSKELHEHLVNAGKRSWKLFYDTVPNA
QAILDSADSYRESKAENLYFQ
;
_entity_poly.pdbx_strand_id   A,B
#
loop_
_chem_comp.id
_chem_comp.type
_chem_comp.name
_chem_comp.formula
G3P non-polymer SN-GLYCEROL-3-PHOSPHATE 'C3 H9 O6 P'
IOD non-polymer 'IODIDE ION' 'I -1'
#
# COMPACT_ATOMS: atom_id res chain seq x y z
N THR A 29 2.76 -20.30 17.11
CA THR A 29 3.76 -19.25 17.02
C THR A 29 3.55 -18.50 15.72
N VAL A 30 3.41 -17.18 15.80
CA VAL A 30 3.21 -16.38 14.59
C VAL A 30 4.51 -15.82 14.04
N ILE A 31 4.74 -16.05 12.75
CA ILE A 31 5.84 -15.42 12.02
C ILE A 31 5.34 -14.34 11.04
N LYS A 32 5.82 -13.12 11.22
CA LYS A 32 5.44 -12.00 10.38
C LYS A 32 6.53 -11.83 9.35
N MET A 33 6.12 -11.78 8.08
CA MET A 33 7.00 -11.60 6.96
C MET A 33 6.54 -10.43 6.12
N ALA A 34 7.45 -9.53 5.85
CA ALA A 34 7.14 -8.39 4.99
C ALA A 34 7.81 -8.56 3.65
N GLY A 35 7.18 -7.97 2.63
CA GLY A 35 7.75 -7.89 1.31
C GLY A 35 7.38 -6.63 0.59
N MET A 36 7.73 -6.57 -0.69
CA MET A 36 7.77 -5.30 -1.42
C MET A 36 6.99 -5.39 -2.70
N LYS A 37 6.37 -6.56 -2.95
CA LYS A 37 5.72 -6.81 -4.24
C LYS A 37 4.21 -7.06 -4.11
N PRO A 38 3.46 -6.78 -5.17
CA PRO A 38 2.03 -7.07 -5.14
C PRO A 38 1.70 -8.59 -5.22
N GLU A 39 0.45 -8.90 -4.93
CA GLU A 39 -0.07 -10.26 -5.11
C GLU A 39 0.09 -10.65 -6.57
N GLY A 40 0.33 -11.94 -6.79
CA GLY A 40 0.51 -12.54 -8.11
C GLY A 40 1.90 -12.32 -8.67
N GLU A 41 2.78 -11.69 -7.91
CA GLU A 41 4.16 -11.45 -8.37
C GLU A 41 5.02 -12.54 -7.71
N PRO A 42 6.07 -13.02 -8.41
CA PRO A 42 6.77 -14.18 -7.85
C PRO A 42 7.27 -14.07 -6.42
N GLU A 43 7.73 -12.91 -5.95
CA GLU A 43 8.17 -12.78 -4.55
C GLU A 43 7.03 -13.15 -3.60
N THR A 44 5.87 -12.55 -3.85
CA THR A 44 4.71 -12.71 -3.01
C THR A 44 4.15 -14.13 -3.04
N ILE A 45 4.04 -14.70 -4.23
CA ILE A 45 3.67 -16.10 -4.39
C ILE A 45 4.60 -16.99 -3.55
N GLY A 46 5.90 -16.71 -3.65
CA GLY A 46 6.91 -17.38 -2.86
C GLY A 46 6.66 -17.34 -1.37
N MET A 47 6.33 -16.16 -0.86
CA MET A 47 6.06 -15.94 0.55
C MET A 47 4.91 -16.77 1.05
N HIS A 48 3.83 -16.77 0.29
CA HIS A 48 2.67 -17.54 0.69
C HIS A 48 2.97 -19.03 0.65
N LEU A 49 3.69 -19.49 -0.37
CA LEU A 49 3.97 -20.90 -0.50
C LEU A 49 4.83 -21.31 0.68
N PHE A 50 5.83 -20.50 1.03
CA PHE A 50 6.62 -20.79 2.24
C PHE A 50 5.75 -20.95 3.45
N GLY A 51 4.74 -20.10 3.55
CA GLY A 51 3.84 -20.09 4.68
C GLY A 51 3.02 -21.37 4.69
N LYS A 52 2.48 -21.71 3.52
CA LYS A 52 1.70 -22.93 3.35
C LYS A 52 2.49 -24.18 3.70
N TYR A 53 3.70 -24.28 3.17
CA TYR A 53 4.58 -25.41 3.42
C TYR A 53 4.98 -25.51 4.91
N LEU A 54 5.27 -24.38 5.53
CA LEU A 54 5.77 -24.41 6.92
C LEU A 54 4.71 -24.84 7.91
N LYS A 55 3.47 -24.44 7.63
CA LYS A 55 2.34 -24.86 8.44
C LYS A 55 2.16 -26.35 8.31
N GLU A 56 2.19 -26.81 7.07
CA GLU A 56 2.17 -28.24 6.71
C GLU A 56 3.21 -28.99 7.54
N LEU A 57 4.50 -28.72 7.31
CA LEU A 57 5.59 -29.47 7.92
C LEU A 57 5.64 -29.43 9.45
N SER A 58 5.18 -28.32 10.03
CA SER A 58 5.26 -28.08 11.47
C SER A 58 3.96 -28.46 12.10
N ASN A 59 3.02 -28.88 11.28
CA ASN A 59 1.78 -29.43 11.77
C ASN A 59 0.91 -28.41 12.45
N GLY A 60 0.89 -27.19 11.94
CA GLY A 60 -0.06 -26.20 12.41
C GLY A 60 0.51 -25.35 13.54
N LYS A 61 1.70 -25.73 13.99
CA LYS A 61 2.38 -25.07 15.08
C LYS A 61 2.78 -23.64 14.73
N TYR A 62 3.41 -23.46 13.57
CA TYR A 62 3.74 -22.11 13.09
C TYR A 62 2.71 -21.65 12.10
N GLU A 63 2.31 -20.39 12.25
CA GLU A 63 1.53 -19.70 11.24
C GLU A 63 2.33 -18.50 10.75
N VAL A 64 2.21 -18.22 9.45
CA VAL A 64 2.94 -17.13 8.82
C VAL A 64 1.98 -16.08 8.32
N GLN A 65 2.20 -14.85 8.75
CA GLN A 65 1.41 -13.75 8.23
C GLN A 65 2.21 -12.94 7.25
N VAL A 66 1.67 -12.81 6.05
CA VAL A 66 2.38 -12.23 4.92
C VAL A 66 1.91 -10.82 4.69
N PHE A 67 2.86 -9.87 4.71
CA PHE A 67 2.58 -8.46 4.43
C PHE A 67 3.29 -7.95 3.19
N PRO A 68 2.71 -8.19 2.01
CA PRO A 68 3.40 -7.81 0.78
C PRO A 68 3.24 -6.36 0.41
N ASN A 69 3.79 -6.01 -0.75
CA ASN A 69 3.54 -4.70 -1.35
C ASN A 69 3.88 -3.53 -0.39
N SER A 70 4.99 -3.68 0.33
CA SER A 70 5.44 -2.66 1.26
C SER A 70 4.38 -2.27 2.33
N GLN A 71 3.46 -3.18 2.61
CA GLN A 71 2.49 -2.97 3.72
C GLN A 71 3.10 -2.67 5.08
N LEU A 72 4.29 -3.17 5.38
CA LEU A 72 4.93 -2.86 6.68
C LEU A 72 6.08 -1.94 6.44
N GLY A 73 5.98 -1.12 5.41
CA GLY A 73 7.08 -0.27 5.01
C GLY A 73 7.84 -0.72 3.76
N LYS A 74 8.68 0.17 3.24
CA LYS A 74 9.49 -0.14 2.10
C LYS A 74 10.77 -0.87 2.58
N GLU A 75 11.62 -1.30 1.66
CA GLU A 75 12.68 -2.27 1.99
C GLU A 75 13.56 -1.80 3.15
N ASP A 76 14.01 -0.56 3.11
CA ASP A 76 14.91 -0.11 4.17
C ASP A 76 14.26 -0.33 5.53
N ALA A 77 13.00 0.09 5.67
CA ALA A 77 12.32 -0.08 6.95
C ALA A 77 12.09 -1.52 7.35
N TYR A 78 11.61 -2.36 6.43
CA TYR A 78 11.26 -3.69 6.88
C TYR A 78 12.53 -4.54 7.05
N ILE A 79 13.61 -4.23 6.31
CA ILE A 79 14.90 -4.93 6.54
C ILE A 79 15.34 -4.64 7.99
N ALA A 80 15.30 -3.37 8.34
CA ALA A 80 15.71 -2.93 9.68
C ALA A 80 14.84 -3.57 10.72
N ALA A 81 13.53 -3.63 10.47
CA ALA A 81 12.62 -4.24 11.43
C ALA A 81 12.91 -5.72 11.56
N THR A 82 13.38 -6.36 10.49
CA THR A 82 13.63 -7.78 10.57
C THR A 82 14.94 -7.99 11.31
N ARG A 83 15.90 -7.09 11.11
CA ARG A 83 17.18 -7.17 11.80
C ARG A 83 16.94 -7.05 13.28
N LYS A 84 16.00 -6.17 13.65
CA LYS A 84 15.70 -5.99 15.05
C LYS A 84 14.85 -7.09 15.66
N GLY A 85 14.17 -7.88 14.82
CA GLY A 85 13.30 -8.94 15.31
C GLY A 85 11.91 -8.44 15.65
N ILE A 86 11.68 -7.17 15.35
CA ILE A 86 10.32 -6.66 15.44
C ILE A 86 9.38 -7.48 14.58
N ILE A 87 9.88 -7.89 13.42
CA ILE A 87 9.21 -8.95 12.64
C ILE A 87 10.23 -10.07 12.43
N GLN A 88 9.79 -11.28 12.10
CA GLN A 88 10.73 -12.40 12.06
C GLN A 88 11.39 -12.60 10.69
N MET A 89 10.64 -12.33 9.62
CA MET A 89 11.11 -12.58 8.27
C MET A 89 10.83 -11.47 7.28
N CYS A 90 11.54 -11.48 6.16
CA CYS A 90 11.26 -10.52 5.08
C CYS A 90 11.72 -11.11 3.77
N ALA A 91 11.08 -10.69 2.67
CA ALA A 91 11.51 -11.06 1.32
C ALA A 91 12.06 -9.81 0.65
N THR A 92 13.29 -9.89 0.15
CA THR A 92 13.86 -8.78 -0.59
C THR A 92 15.02 -9.29 -1.43
N GLY A 93 15.64 -8.37 -2.17
CA GLY A 93 16.74 -8.70 -3.04
C GLY A 93 18.07 -8.02 -2.70
N THR A 94 18.71 -7.44 -3.71
CA THR A 94 20.06 -6.91 -3.52
C THR A 94 20.09 -5.59 -2.73
N GLN A 95 18.92 -5.20 -2.21
CA GLN A 95 18.83 -4.15 -1.19
C GLN A 95 19.78 -4.47 -0.03
N THR A 96 19.96 -5.75 0.25
CA THR A 96 20.80 -6.15 1.37
C THR A 96 22.26 -6.00 1.05
N SER A 97 22.58 -5.59 -0.17
CA SER A 97 23.93 -5.15 -0.48
C SER A 97 24.38 -3.97 0.38
N ALA A 98 23.46 -3.29 1.04
CA ALA A 98 23.79 -2.17 1.93
C ALA A 98 24.55 -2.64 3.14
N LEU A 99 24.26 -3.89 3.51
CA LEU A 99 24.87 -4.55 4.65
C LEU A 99 26.05 -5.45 4.33
N HIS A 100 26.21 -5.79 3.04
CA HIS A 100 27.19 -6.79 2.66
C HIS A 100 27.34 -6.71 1.16
N PRO A 101 28.38 -5.99 0.72
CA PRO A 101 28.53 -5.72 -0.71
C PRO A 101 28.38 -6.95 -1.62
N ALA A 102 28.79 -8.14 -1.18
CA ALA A 102 28.80 -9.28 -2.07
C ALA A 102 27.35 -9.62 -2.50
N MET A 103 26.38 -9.29 -1.65
CA MET A 103 24.96 -9.57 -1.99
C MET A 103 24.58 -8.96 -3.32
N ALA A 104 25.20 -7.82 -3.66
CA ALA A 104 24.95 -7.19 -4.96
C ALA A 104 25.21 -8.16 -6.09
N MET A 105 26.19 -9.04 -5.91
CA MET A 105 26.57 -9.96 -6.98
C MET A 105 25.53 -11.05 -7.32
N LEU A 106 24.50 -11.19 -6.49
CA LEU A 106 23.33 -12.02 -6.81
C LEU A 106 22.73 -11.56 -8.14
N GLU A 107 22.86 -10.26 -8.44
CA GLU A 107 22.34 -9.68 -9.67
C GLU A 107 23.43 -9.09 -10.61
N THR A 108 24.59 -9.73 -10.65
CA THR A 108 25.72 -9.35 -11.53
C THR A 108 25.23 -9.24 -12.96
N PRO A 109 25.37 -8.04 -13.54
CA PRO A 109 24.86 -7.91 -14.91
C PRO A 109 25.59 -8.83 -15.87
N MET A 110 24.87 -9.39 -16.82
CA MET A 110 25.50 -10.20 -17.87
C MET A 110 26.18 -11.45 -17.35
N LEU A 111 25.75 -11.97 -16.22
CA LEU A 111 26.51 -13.11 -15.66
C LEU A 111 25.94 -14.47 -16.07
N PHE A 112 24.61 -14.58 -16.14
CA PHE A 112 23.95 -15.84 -16.42
C PHE A 112 23.35 -15.92 -17.82
N ASP A 113 23.47 -17.08 -18.42
CA ASP A 113 23.12 -17.28 -19.82
C ASP A 113 21.57 -17.41 -19.92
N ASN A 114 20.98 -17.97 -18.87
CA ASN A 114 19.55 -18.22 -18.77
C ASN A 114 19.20 -18.59 -17.32
N LEU A 115 17.91 -18.82 -17.06
CA LEU A 115 17.47 -19.16 -15.73
C LEU A 115 18.14 -20.43 -15.20
N ASP A 116 18.37 -21.43 -16.05
CA ASP A 116 18.87 -22.72 -15.58
C ASP A 116 20.30 -22.56 -15.09
N HIS A 117 21.08 -21.73 -15.78
CA HIS A 117 22.43 -21.40 -15.38
C HIS A 117 22.35 -20.74 -14.00
N ALA A 118 21.52 -19.71 -13.86
CA ALA A 118 21.44 -18.97 -12.62
C ALA A 118 21.02 -19.89 -11.50
N ARG A 119 20.10 -20.81 -11.76
CA ARG A 119 19.66 -21.72 -10.69
C ARG A 119 20.75 -22.67 -10.21
N ARG A 120 21.53 -23.25 -11.14
CA ARG A 120 22.70 -24.02 -10.75
C ARG A 120 23.61 -23.21 -9.83
N ALA A 121 23.90 -21.97 -10.20
CA ALA A 121 24.80 -21.16 -9.38
C ALA A 121 24.18 -20.81 -8.04
N MET A 122 22.91 -20.49 -8.05
CA MET A 122 22.28 -20.01 -6.84
C MET A 122 22.00 -21.15 -5.84
N GLU A 123 21.96 -22.38 -6.31
CA GLU A 123 21.77 -23.52 -5.42
C GLU A 123 23.11 -24.19 -5.15
N GLY A 124 24.18 -23.56 -5.64
CA GLY A 124 25.50 -24.14 -5.61
C GLY A 124 26.46 -23.20 -4.92
N LYS A 125 27.69 -23.23 -5.39
CA LYS A 125 28.80 -22.60 -4.70
C LYS A 125 28.72 -21.06 -4.79
N THR A 126 28.10 -20.55 -5.85
CA THR A 126 28.07 -19.09 -6.05
C THR A 126 27.33 -18.42 -4.89
N PHE A 127 26.17 -18.96 -4.54
CA PHE A 127 25.40 -18.46 -3.41
C PHE A 127 26.15 -18.58 -2.11
N ASP A 128 26.80 -19.73 -1.90
CA ASP A 128 27.59 -19.92 -0.69
C ASP A 128 28.68 -18.85 -0.57
N LEU A 129 29.41 -18.58 -1.66
CA LEU A 129 30.48 -17.60 -1.62
C LEU A 129 29.94 -16.20 -1.32
N ILE A 130 28.79 -15.87 -1.91
CA ILE A 130 28.21 -14.55 -1.74
C ILE A 130 27.71 -14.35 -0.31
N ASN A 131 27.17 -15.42 0.27
CA ASN A 131 26.55 -15.39 1.57
C ASN A 131 27.50 -15.56 2.74
N GLU A 132 28.72 -16.01 2.47
CA GLU A 132 29.70 -16.14 3.54
C GLU A 132 29.88 -14.83 4.27
N GLY A 133 29.68 -14.84 5.58
CA GLY A 133 29.91 -13.64 6.36
C GLY A 133 28.71 -12.71 6.46
N PHE A 134 27.68 -12.92 5.64
CA PHE A 134 26.53 -12.03 5.63
C PHE A 134 25.82 -11.96 6.99
N THR A 135 25.60 -13.12 7.57
CA THR A 135 24.79 -13.19 8.78
C THR A 135 25.48 -12.50 9.95
N GLU A 136 26.82 -12.60 9.98
CA GLU A 136 27.62 -11.93 11.00
C GLU A 136 27.46 -10.43 10.91
N LYS A 137 27.37 -9.92 9.69
CA LYS A 137 27.21 -8.48 9.46
C LYS A 137 25.77 -7.97 9.68
N SER A 138 24.79 -8.85 9.48
CA SER A 138 23.41 -8.38 9.30
C SER A 138 22.45 -8.80 10.39
N GLY A 139 22.71 -9.93 11.04
CA GLY A 139 21.75 -10.49 11.96
C GLY A 139 20.66 -11.26 11.21
N LEU A 140 20.82 -11.43 9.90
CA LEU A 140 19.87 -12.16 9.06
C LEU A 140 20.49 -13.41 8.45
N ARG A 141 19.65 -14.41 8.23
CA ARG A 141 20.06 -15.63 7.59
C ARG A 141 19.30 -15.69 6.29
N THR A 142 20.03 -15.87 5.19
CA THR A 142 19.43 -15.98 3.88
C THR A 142 18.98 -17.43 3.62
N LEU A 143 17.69 -17.67 3.50
CA LEU A 143 17.19 -19.06 3.46
C LEU A 143 17.10 -19.66 2.07
N ASN A 144 17.03 -18.82 1.04
CA ASN A 144 16.94 -19.35 -0.30
C ASN A 144 17.31 -18.28 -1.32
N ALA A 145 17.18 -18.61 -2.60
CA ALA A 145 17.32 -17.65 -3.71
C ALA A 145 16.36 -18.07 -4.82
N PHE A 146 15.68 -17.12 -5.45
CA PHE A 146 14.73 -17.46 -6.45
C PHE A 146 14.57 -16.27 -7.37
N PRO A 147 14.13 -16.51 -8.60
CA PRO A 147 14.14 -15.36 -9.51
C PRO A 147 12.80 -14.58 -9.51
N LEU A 148 12.87 -13.31 -9.87
CA LEU A 148 11.71 -12.52 -10.25
C LEU A 148 11.68 -12.35 -11.78
N GLY A 149 12.83 -12.57 -12.41
CA GLY A 149 12.91 -12.56 -13.84
C GLY A 149 13.93 -11.58 -14.39
N PHE A 150 14.35 -11.81 -15.64
CA PHE A 150 15.21 -10.91 -16.33
C PHE A 150 14.58 -9.53 -16.54
N ARG A 151 15.41 -8.49 -16.44
CA ARG A 151 14.90 -7.10 -16.58
C ARG A 151 14.89 -6.69 -18.05
N HIS A 152 13.79 -6.09 -18.47
CA HIS A 152 13.58 -5.58 -19.83
C HIS A 152 13.17 -4.12 -19.74
N PHE A 153 13.55 -3.34 -20.74
CA PHE A 153 13.20 -1.90 -20.75
C PHE A 153 11.73 -1.68 -21.05
N TYR A 154 11.16 -0.69 -20.38
CA TYR A 154 9.85 -0.17 -20.73
C TYR A 154 9.99 1.37 -20.90
N SER A 155 9.29 1.93 -21.89
CA SER A 155 9.39 3.37 -22.16
C SER A 155 8.24 3.89 -23.03
N LYS A 156 8.10 5.21 -23.08
CA LYS A 156 7.07 5.83 -23.92
C LYS A 156 7.36 5.66 -25.41
N LYS A 157 8.64 5.73 -25.77
CA LYS A 157 9.07 5.54 -27.16
C LYS A 157 10.21 4.54 -27.19
N PRO A 158 10.25 3.66 -28.20
CA PRO A 158 11.16 2.50 -28.33
C PRO A 158 12.60 2.77 -27.99
N MET A 168 16.45 10.86 -21.66
CA MET A 168 15.41 9.97 -21.17
C MET A 168 15.51 9.81 -19.68
N ARG A 169 14.49 10.19 -18.95
CA ARG A 169 14.50 10.07 -17.52
C ARG A 169 14.06 8.65 -17.17
N MET A 170 15.00 7.74 -16.90
CA MET A 170 14.56 6.38 -16.58
C MET A 170 14.60 6.08 -15.08
N ARG A 171 13.54 5.49 -14.57
CA ARG A 171 13.56 5.01 -13.19
C ARG A 171 14.66 3.98 -13.01
N VAL A 172 15.32 4.02 -11.86
CA VAL A 172 16.22 2.97 -11.45
C VAL A 172 15.98 2.74 -9.98
N PRO A 173 16.21 1.51 -9.52
CA PRO A 173 16.15 1.23 -8.08
C PRO A 173 17.25 2.00 -7.38
N ASN A 174 17.05 2.37 -6.12
CA ASN A 174 18.04 3.11 -5.34
C ASN A 174 18.98 2.15 -4.64
N ILE A 175 19.76 1.44 -5.44
CA ILE A 175 20.69 0.44 -4.98
C ILE A 175 21.95 0.67 -5.81
N PRO A 176 23.12 0.61 -5.20
CA PRO A 176 24.29 1.02 -5.98
C PRO A 176 24.51 0.29 -7.33
N LEU A 177 24.39 -1.02 -7.32
CA LEU A 177 24.64 -1.75 -8.53
C LEU A 177 23.77 -1.26 -9.74
N TYR A 178 22.54 -0.78 -9.46
CA TYR A 178 21.64 -0.24 -10.50
C TYR A 178 21.96 1.22 -10.97
N THR A 179 22.30 2.10 -10.03
CA THR A 179 22.64 3.48 -10.37
C THR A 179 23.96 3.46 -11.13
N ASN A 180 24.89 2.60 -10.71
CA ASN A 180 26.15 2.44 -11.45
C ASN A 180 25.93 1.91 -12.85
N PHE A 181 25.09 0.90 -12.98
CA PHE A 181 24.87 0.31 -14.24
C PHE A 181 24.19 1.31 -15.19
N ALA A 182 23.24 2.09 -14.67
CA ALA A 182 22.56 3.06 -15.52
C ALA A 182 23.57 4.03 -16.12
N LYS A 183 24.50 4.48 -15.30
CA LYS A 183 25.55 5.37 -15.80
C LYS A 183 26.28 4.75 -16.97
N GLU A 184 26.76 3.51 -16.77
CA GLU A 184 27.57 2.88 -17.79
C GLU A 184 26.77 2.77 -19.08
N CYS A 185 25.44 2.80 -18.97
CA CYS A 185 24.58 2.65 -20.13
C CYS A 185 24.29 4.01 -20.82
N GLY A 186 24.81 5.05 -20.21
CA GLY A 186 24.51 6.41 -20.65
C GLY A 186 23.10 6.83 -20.27
N ILE A 187 22.51 6.16 -19.28
CA ILE A 187 21.13 6.44 -18.86
C ILE A 187 21.09 7.49 -17.74
N SER A 188 20.14 8.43 -17.83
CA SER A 188 19.92 9.41 -16.77
C SER A 188 19.01 8.80 -15.73
N GLY A 189 19.57 8.23 -14.67
CA GLY A 189 18.78 7.43 -13.74
C GLY A 189 18.01 8.25 -12.73
N GLN A 190 16.75 7.88 -12.48
CA GLN A 190 15.96 8.52 -11.46
C GLN A 190 15.71 7.50 -10.35
N PRO A 191 16.58 7.50 -9.31
CA PRO A 191 16.44 6.51 -8.25
C PRO A 191 15.15 6.69 -7.49
N MET A 192 14.42 5.61 -7.28
CA MET A 192 13.28 5.61 -6.39
C MET A 192 12.88 4.18 -6.00
N PRO A 193 12.44 3.99 -4.74
CA PRO A 193 11.91 2.66 -4.38
C PRO A 193 10.79 2.17 -5.31
N PHE A 194 10.67 0.86 -5.38
CA PHE A 194 9.65 0.25 -6.22
C PHE A 194 8.22 0.77 -5.91
N ALA A 195 7.93 0.92 -4.63
CA ALA A 195 6.62 1.37 -4.17
C ALA A 195 6.21 2.70 -4.82
N GLU A 196 7.17 3.53 -5.23
CA GLU A 196 6.86 4.86 -5.77
C GLU A 196 6.67 4.81 -7.31
N VAL A 197 6.88 3.63 -7.89
CA VAL A 197 6.92 3.51 -9.34
C VAL A 197 5.57 3.81 -9.96
N PRO A 198 4.49 3.28 -9.37
CA PRO A 198 3.17 3.55 -9.97
C PRO A 198 2.84 5.06 -10.03
N GLY A 199 3.01 5.76 -8.92
CA GLY A 199 2.83 7.21 -8.94
C GLY A 199 3.75 7.90 -9.94
N ALA A 200 5.00 7.42 -10.06
CA ALA A 200 5.97 8.11 -10.90
C ALA A 200 5.53 8.00 -12.36
N LEU A 201 5.10 6.80 -12.73
CA LEU A 201 4.48 6.59 -14.04
C LEU A 201 3.28 7.49 -14.24
N ASP A 202 2.34 7.46 -13.30
CA ASP A 202 1.12 8.28 -13.38
C ASP A 202 1.41 9.78 -13.45
N GLN A 203 2.49 10.21 -12.78
CA GLN A 203 2.88 11.61 -12.73
C GLN A 203 3.45 12.15 -14.06
N GLY A 204 4.06 11.31 -14.86
CA GLY A 204 4.32 11.65 -16.25
C GLY A 204 5.62 12.34 -16.63
N VAL A 205 6.56 12.49 -15.69
CA VAL A 205 7.85 13.12 -16.01
C VAL A 205 8.87 12.06 -16.48
N ILE A 206 9.00 10.92 -15.75
CA ILE A 206 9.90 9.83 -16.21
C ILE A 206 9.38 9.16 -17.49
N ASP A 207 10.30 8.73 -18.34
CA ASP A 207 9.94 8.17 -19.64
C ASP A 207 9.93 6.65 -19.65
N GLY A 208 10.51 6.04 -18.62
CA GLY A 208 10.53 4.58 -18.51
C GLY A 208 11.43 4.05 -17.41
N GLY A 209 11.91 2.84 -17.60
CA GLY A 209 12.76 2.12 -16.65
C GLY A 209 13.04 0.73 -17.17
N ASP A 210 13.52 -0.20 -16.32
CA ASP A 210 13.58 -1.59 -16.74
C ASP A 210 13.18 -2.43 -15.52
N SER A 211 12.38 -3.45 -15.77
CA SER A 211 11.83 -4.33 -14.74
C SER A 211 11.67 -5.72 -15.28
N PRO A 212 11.57 -6.71 -14.36
CA PRO A 212 11.09 -8.02 -14.81
C PRO A 212 9.69 -7.91 -15.43
N LEU A 213 9.35 -8.83 -16.32
CA LEU A 213 8.02 -8.79 -16.93
C LEU A 213 6.93 -8.95 -15.91
N ALA A 214 7.19 -9.70 -14.84
CA ALA A 214 6.19 -9.87 -13.81
C ALA A 214 5.75 -8.50 -13.26
N ASP A 215 6.70 -7.59 -13.11
CA ASP A 215 6.42 -6.28 -12.54
C ASP A 215 5.79 -5.37 -13.60
N ILE A 216 6.29 -5.46 -14.83
CA ILE A 216 5.73 -4.67 -15.90
C ILE A 216 4.26 -4.99 -16.11
N VAL A 217 3.88 -6.27 -16.07
CA VAL A 217 2.48 -6.64 -16.25
C VAL A 217 1.66 -6.36 -14.99
N SER A 218 2.23 -6.70 -13.84
CA SER A 218 1.54 -6.49 -12.58
C SER A 218 1.14 -5.04 -12.38
N LEU A 219 2.03 -4.11 -12.71
CA LEU A 219 1.70 -2.69 -12.55
C LEU A 219 1.05 -2.08 -13.78
N LYS A 220 0.80 -2.93 -14.78
CA LYS A 220 0.23 -2.52 -16.05
C LYS A 220 0.98 -1.33 -16.63
N MET A 221 2.30 -1.43 -16.62
CA MET A 221 3.18 -0.35 -17.07
C MET A 221 2.97 -0.06 -18.56
N TYR A 222 2.58 -1.09 -19.31
CA TYR A 222 2.47 -1.00 -20.78
C TYR A 222 1.33 -0.08 -21.23
N GLU A 223 0.41 0.23 -20.31
CA GLU A 223 -0.64 1.21 -20.53
C GLU A 223 -0.12 2.66 -20.62
N ILE A 224 1.07 2.90 -20.07
CA ILE A 224 1.65 4.24 -20.02
C ILE A 224 2.95 4.27 -20.81
N THR A 225 3.73 3.21 -20.70
CA THR A 225 5.00 3.06 -21.40
C THR A 225 4.91 1.80 -22.23
N PRO A 226 4.35 1.90 -23.42
CA PRO A 226 3.93 0.69 -24.11
C PRO A 226 5.07 -0.07 -24.80
N GLU A 227 6.23 0.55 -24.92
CA GLU A 227 7.30 -0.04 -25.70
C GLU A 227 8.29 -0.78 -24.80
N ILE A 228 8.30 -2.08 -24.91
CA ILE A 228 9.25 -2.87 -24.14
C ILE A 228 10.38 -3.33 -25.04
N SER A 229 11.62 -3.18 -24.59
CA SER A 229 12.75 -3.74 -25.34
C SER A 229 13.41 -4.85 -24.50
N LEU A 230 13.50 -6.03 -25.09
CA LEU A 230 14.10 -7.16 -24.40
C LEU A 230 15.59 -6.96 -24.33
N SER A 231 16.12 -6.96 -23.12
CA SER A 231 17.55 -6.90 -22.89
C SER A 231 18.03 -8.04 -21.96
N GLY A 232 17.48 -8.09 -20.75
CA GLY A 232 17.80 -9.15 -19.81
C GLY A 232 19.21 -8.98 -19.29
N HIS A 233 19.61 -7.72 -19.13
CA HIS A 233 20.92 -7.34 -18.66
C HIS A 233 21.18 -7.75 -17.22
N ILE A 234 20.10 -7.85 -16.44
CA ILE A 234 20.16 -8.36 -15.07
C ILE A 234 18.99 -9.33 -14.82
N LEU A 235 19.25 -10.39 -14.06
CA LEU A 235 18.21 -11.30 -13.58
C LEU A 235 17.95 -10.96 -12.12
N VAL A 236 16.72 -10.53 -11.81
CA VAL A 236 16.40 -10.25 -10.45
C VAL A 236 16.30 -11.53 -9.63
N ILE A 237 17.02 -11.53 -8.52
CA ILE A 237 17.04 -12.66 -7.57
C ILE A 237 16.65 -12.13 -6.19
N HIS A 238 15.60 -12.69 -5.59
CA HIS A 238 15.28 -12.38 -4.19
C HIS A 238 15.46 -13.57 -3.25
N SER A 239 15.31 -13.33 -1.96
CA SER A 239 15.43 -14.37 -0.92
C SER A 239 14.44 -14.16 0.17
N LEU A 240 14.14 -15.22 0.88
CA LEU A 240 13.47 -15.11 2.17
C LEU A 240 14.58 -15.01 3.22
N TYR A 241 14.51 -13.96 4.03
CA TYR A 241 15.49 -13.75 5.09
C TYR A 241 14.83 -13.95 6.42
N ILE A 242 15.55 -14.50 7.39
CA ILE A 242 15.00 -14.71 8.72
C ILE A 242 15.87 -14.10 9.80
N ASN A 243 15.26 -13.50 10.81
CA ASN A 243 16.03 -12.97 11.90
C ASN A 243 16.84 -14.11 12.51
N ASP A 244 18.15 -13.95 12.57
CA ASP A 244 19.06 -15.06 12.91
C ASP A 244 18.89 -15.46 14.38
N LYS A 245 18.82 -14.47 15.25
CA LYS A 245 18.55 -14.70 16.65
C LYS A 245 17.27 -15.50 16.85
N PHE A 246 16.20 -15.10 16.18
CA PHE A 246 14.92 -15.80 16.24
C PHE A 246 15.00 -17.22 15.71
N PHE A 247 15.73 -17.38 14.61
CA PHE A 247 15.88 -18.71 13.98
C PHE A 247 16.63 -19.66 14.92
N LYS A 248 17.77 -19.22 15.44
CA LYS A 248 18.60 -20.10 16.26
C LYS A 248 17.96 -20.33 17.63
N SER A 249 16.90 -19.60 17.95
CA SER A 249 16.21 -19.78 19.20
C SER A 249 15.27 -20.97 19.14
N LEU A 250 15.00 -21.46 17.93
CA LEU A 250 14.04 -22.56 17.76
C LEU A 250 14.74 -23.94 17.87
N PRO A 251 13.95 -25.00 18.08
CA PRO A 251 14.52 -26.35 18.08
C PRO A 251 15.15 -26.73 16.73
N GLU A 252 16.17 -27.57 16.74
CA GLU A 252 16.83 -27.96 15.47
C GLU A 252 15.79 -28.52 14.49
N GLN A 253 14.74 -29.15 15.03
CA GLN A 253 13.68 -29.68 14.18
C GLN A 253 12.92 -28.55 13.48
N ASP A 254 12.63 -27.49 14.22
CA ASP A 254 11.81 -26.40 13.68
C ASP A 254 12.62 -25.67 12.64
N GLN A 255 13.92 -25.54 12.90
CA GLN A 255 14.81 -24.90 11.96
C GLN A 255 14.72 -25.65 10.63
N LYS A 256 14.60 -26.98 10.71
CA LYS A 256 14.61 -27.82 9.51
C LYS A 256 13.37 -27.61 8.68
N TRP A 257 12.21 -27.59 9.35
CA TRP A 257 10.97 -27.28 8.65
C TRP A 257 10.97 -25.91 7.93
N ILE A 258 11.51 -24.90 8.59
CA ILE A 258 11.65 -23.55 8.00
C ILE A 258 12.52 -23.65 6.73
N GLU A 259 13.68 -24.28 6.87
CA GLU A 259 14.60 -24.51 5.76
C GLU A 259 13.99 -25.31 4.60
N GLU A 260 13.26 -26.36 4.90
CA GLU A 260 12.59 -27.14 3.87
C GLU A 260 11.50 -26.34 3.18
N ALA A 261 10.69 -25.64 3.97
CA ALA A 261 9.67 -24.75 3.39
C ALA A 261 10.28 -23.67 2.49
N ALA A 262 11.42 -23.12 2.89
CA ALA A 262 12.10 -22.12 2.03
C ALA A 262 12.60 -22.75 0.74
N LYS A 263 13.11 -23.97 0.85
CA LYS A 263 13.66 -24.63 -0.33
C LYS A 263 12.53 -24.98 -1.29
N ARG A 264 11.47 -25.57 -0.78
CA ARG A 264 10.34 -25.96 -1.63
C ARG A 264 9.71 -24.74 -2.33
N SER A 265 9.50 -23.66 -1.58
CA SER A 265 8.96 -22.44 -2.10
C SER A 265 9.85 -21.86 -3.21
N ALA A 266 11.16 -21.79 -2.97
CA ALA A 266 12.09 -21.30 -3.99
C ALA A 266 12.00 -22.16 -5.24
N ASP A 267 11.99 -23.46 -5.03
CA ASP A 267 11.91 -24.42 -6.15
C ASP A 267 10.64 -24.18 -7.02
N ASP A 268 9.53 -23.87 -6.38
CA ASP A 268 8.28 -23.58 -7.08
C ASP A 268 8.41 -22.34 -7.95
N VAL A 269 9.04 -21.30 -7.41
CA VAL A 269 9.17 -20.03 -8.11
C VAL A 269 10.10 -20.16 -9.32
N TRP A 270 11.24 -20.85 -9.12
CA TRP A 270 12.18 -21.10 -10.26
C TRP A 270 11.40 -21.73 -11.40
N ALA A 271 10.50 -22.62 -11.04
CA ALA A 271 9.73 -23.36 -12.03
C ALA A 271 8.57 -22.60 -12.64
N MET A 272 8.20 -21.41 -12.13
CA MET A 272 7.07 -20.70 -12.73
C MET A 272 7.40 -19.44 -13.53
N VAL A 273 8.61 -18.92 -13.40
CA VAL A 273 8.92 -17.64 -13.99
C VAL A 273 9.01 -17.75 -15.52
N ALA A 274 9.70 -18.76 -16.03
CA ALA A 274 9.78 -18.92 -17.49
C ALA A 274 8.41 -18.92 -18.19
N ASP A 275 7.49 -19.75 -17.70
CA ASP A 275 6.15 -19.85 -18.28
C ASP A 275 5.44 -18.53 -18.21
N GLY A 276 5.62 -17.86 -17.08
CA GLY A 276 4.95 -16.58 -16.87
C GLY A 276 5.45 -15.48 -17.78
N ASP A 277 6.75 -15.49 -18.06
CA ASP A 277 7.31 -14.48 -18.95
C ASP A 277 6.79 -14.67 -20.38
N GLU A 278 6.51 -15.92 -20.78
CA GLU A 278 5.92 -16.19 -22.11
C GLU A 278 4.54 -15.56 -22.19
N LYS A 279 3.75 -15.79 -21.16
CA LYS A 279 2.39 -15.28 -21.13
C LYS A 279 2.41 -13.76 -21.06
N ALA A 280 3.36 -13.21 -20.29
CA ALA A 280 3.55 -11.75 -20.18
C ALA A 280 3.90 -11.12 -21.51
N LYS A 281 4.73 -11.81 -22.26
CA LYS A 281 5.14 -11.28 -23.54
C LYS A 281 3.93 -11.26 -24.47
N ALA A 282 3.16 -12.34 -24.43
CA ALA A 282 1.98 -12.44 -25.25
C ALA A 282 1.08 -11.27 -24.86
N THR A 283 0.76 -11.19 -23.58
CA THR A 283 -0.15 -10.19 -23.04
C THR A 283 0.20 -8.77 -23.49
N ILE A 284 1.48 -8.41 -23.44
CA ILE A 284 1.92 -7.11 -23.92
C ILE A 284 1.51 -6.92 -25.38
N LEU A 285 1.76 -7.93 -26.20
CA LEU A 285 1.52 -7.82 -27.64
C LEU A 285 0.05 -7.81 -27.98
N ALA A 286 -0.77 -8.42 -27.13
CA ALA A 286 -2.22 -8.37 -27.27
C ALA A 286 -2.83 -6.98 -26.92
N ASN A 287 -2.18 -6.23 -26.04
CA ASN A 287 -2.78 -5.02 -25.48
C ASN A 287 -2.06 -3.73 -25.86
N LYS A 288 -1.89 -3.55 -27.16
CA LYS A 288 -1.32 -2.32 -27.70
C LYS A 288 0.09 -2.06 -27.21
N GLY A 289 0.70 -3.06 -26.56
CA GLY A 289 2.11 -2.96 -26.22
C GLY A 289 2.98 -3.38 -27.40
N ASN A 290 4.22 -2.90 -27.44
CA ASN A 290 5.16 -3.34 -28.43
C ASN A 290 6.40 -3.98 -27.79
N ILE A 291 6.97 -4.97 -28.46
CA ILE A 291 8.22 -5.55 -28.02
C ILE A 291 9.25 -5.32 -29.08
N HIS A 292 10.40 -4.81 -28.67
CA HIS A 292 11.45 -4.47 -29.59
C HIS A 292 12.68 -5.28 -29.29
N GLU A 293 13.58 -5.27 -30.26
CA GLU A 293 14.84 -5.98 -30.19
C GLU A 293 15.95 -4.95 -30.28
N PRO A 294 16.73 -4.79 -29.21
CA PRO A 294 17.79 -3.80 -29.44
C PRO A 294 18.49 -4.14 -30.76
N SER A 295 19.22 -3.15 -31.26
CA SER A 295 19.95 -3.29 -32.48
C SER A 295 21.31 -3.82 -32.09
N LYS A 296 21.94 -4.55 -33.01
CA LYS A 296 23.30 -5.02 -32.79
C LYS A 296 24.03 -3.98 -31.98
N GLU A 297 23.97 -2.76 -32.48
CA GLU A 297 24.76 -1.66 -31.97
C GLU A 297 24.44 -1.36 -30.49
N LEU A 298 23.16 -1.43 -30.13
CA LEU A 298 22.70 -1.18 -28.76
C LEU A 298 22.90 -2.41 -27.86
N HIS A 299 22.67 -3.60 -28.40
CA HIS A 299 22.96 -4.78 -27.62
C HIS A 299 24.42 -4.71 -27.17
N GLU A 300 25.31 -4.39 -28.10
CA GLU A 300 26.74 -4.32 -27.82
C GLU A 300 27.07 -3.31 -26.73
N HIS A 301 26.33 -2.22 -26.78
CA HIS A 301 26.47 -1.11 -25.88
C HIS A 301 26.09 -1.52 -24.45
N LEU A 302 25.06 -2.34 -24.33
CA LEU A 302 24.60 -2.86 -23.04
C LEU A 302 25.56 -3.93 -22.49
N VAL A 303 25.99 -4.85 -23.33
CA VAL A 303 26.94 -5.85 -22.85
C VAL A 303 28.17 -5.16 -22.28
N ASN A 304 28.79 -4.26 -23.07
CA ASN A 304 29.99 -3.56 -22.59
C ASN A 304 29.74 -2.81 -21.32
N ALA A 305 28.61 -2.10 -21.29
CA ALA A 305 28.20 -1.41 -20.08
C ALA A 305 28.17 -2.38 -18.91
N GLY A 306 27.56 -3.53 -19.14
CA GLY A 306 27.47 -4.58 -18.13
C GLY A 306 28.81 -5.09 -17.64
N LYS A 307 29.71 -5.39 -18.57
CA LYS A 307 31.07 -5.80 -18.23
C LYS A 307 31.82 -4.69 -17.45
N ARG A 308 31.76 -3.43 -17.91
CA ARG A 308 32.40 -2.33 -17.17
C ARG A 308 31.88 -2.23 -15.74
N SER A 309 30.59 -2.44 -15.58
CA SER A 309 29.96 -2.26 -14.27
C SER A 309 30.52 -3.23 -13.23
N TRP A 310 31.18 -4.30 -13.66
CA TRP A 310 31.80 -5.22 -12.69
C TRP A 310 32.90 -4.55 -11.86
N LYS A 311 33.46 -3.42 -12.31
CA LYS A 311 34.45 -2.74 -11.48
C LYS A 311 33.83 -2.45 -10.12
N LEU A 312 32.54 -2.11 -10.12
CA LEU A 312 31.87 -1.88 -8.86
C LEU A 312 32.14 -3.05 -7.91
N PHE A 313 32.12 -4.29 -8.40
CA PHE A 313 32.27 -5.45 -7.53
C PHE A 313 33.74 -5.68 -7.14
N TYR A 314 34.63 -5.53 -8.11
CA TYR A 314 36.05 -5.67 -7.84
C TYR A 314 36.48 -4.65 -6.78
N ASP A 315 35.92 -3.44 -6.87
CA ASP A 315 36.20 -2.38 -5.91
C ASP A 315 35.64 -2.69 -4.54
N THR A 316 34.42 -3.24 -4.49
CA THR A 316 33.69 -3.37 -3.23
C THR A 316 33.66 -4.76 -2.58
N VAL A 317 33.87 -5.80 -3.37
CA VAL A 317 33.77 -7.18 -2.87
C VAL A 317 35.12 -7.89 -2.92
N PRO A 318 35.68 -8.23 -1.74
CA PRO A 318 37.01 -8.83 -1.58
C PRO A 318 37.19 -10.07 -2.44
N ASN A 319 36.19 -10.94 -2.43
CA ASN A 319 36.28 -12.20 -3.18
C ASN A 319 35.48 -12.17 -4.48
N ALA A 320 35.46 -11.04 -5.19
CA ALA A 320 34.66 -10.90 -6.41
C ALA A 320 35.08 -11.91 -7.48
N GLN A 321 36.38 -12.00 -7.73
CA GLN A 321 36.85 -12.93 -8.76
C GLN A 321 36.41 -14.36 -8.52
N ALA A 322 36.38 -14.78 -7.26
CA ALA A 322 36.06 -16.16 -6.96
C ALA A 322 34.57 -16.38 -7.22
N ILE A 323 33.79 -15.37 -6.84
CA ILE A 323 32.37 -15.44 -7.03
C ILE A 323 32.07 -15.56 -8.51
N LEU A 324 32.66 -14.68 -9.32
CA LEU A 324 32.47 -14.70 -10.76
C LEU A 324 32.89 -16.05 -11.34
N ASP A 325 34.05 -16.51 -10.91
CA ASP A 325 34.58 -17.80 -11.35
C ASP A 325 33.60 -18.95 -11.06
N SER A 326 32.97 -18.93 -9.88
CA SER A 326 32.04 -20.01 -9.52
C SER A 326 30.83 -19.99 -10.44
N ALA A 327 30.34 -18.79 -10.77
CA ALA A 327 29.17 -18.69 -11.64
C ALA A 327 29.51 -19.25 -12.99
N ASP A 328 30.69 -18.86 -13.50
CA ASP A 328 31.15 -19.35 -14.79
C ASP A 328 31.32 -20.87 -14.78
N SER A 329 31.67 -21.46 -13.65
CA SER A 329 31.86 -22.90 -13.61
C SER A 329 30.56 -23.65 -13.92
N TYR A 330 29.41 -23.01 -13.69
CA TYR A 330 28.12 -23.66 -13.88
C TYR A 330 27.53 -23.44 -15.28
N ARG A 331 28.27 -22.74 -16.12
CA ARG A 331 27.75 -22.38 -17.44
C ARG A 331 27.71 -23.60 -18.33
N THR B 29 -13.02 39.47 4.41
CA THR B 29 -14.05 38.44 4.57
C THR B 29 -13.50 37.10 5.06
N VAL B 30 -13.85 36.79 6.31
CA VAL B 30 -13.38 35.59 6.95
C VAL B 30 -14.43 34.49 6.86
N ILE B 31 -14.02 33.33 6.33
CA ILE B 31 -14.89 32.16 6.29
C ILE B 31 -14.54 31.23 7.43
N LYS B 32 -15.54 30.88 8.24
CA LYS B 32 -15.32 29.98 9.35
C LYS B 32 -15.63 28.55 8.94
N MET B 33 -14.80 27.63 9.41
CA MET B 33 -14.96 26.20 9.09
C MET B 33 -14.73 25.29 10.30
N ALA B 34 -15.69 24.40 10.61
CA ALA B 34 -15.61 23.46 11.73
C ALA B 34 -15.29 22.04 11.28
N GLY B 35 -14.50 21.32 12.08
CA GLY B 35 -14.17 19.91 11.87
C GLY B 35 -14.05 19.13 13.20
N MET B 36 -13.85 17.82 13.12
CA MET B 36 -13.77 16.94 14.29
C MET B 36 -12.36 16.52 14.68
N LYS B 37 -11.40 16.73 13.81
CA LYS B 37 -10.12 16.05 13.97
C LYS B 37 -9.08 17.06 14.43
N PRO B 38 -8.08 16.58 15.19
CA PRO B 38 -7.00 17.40 15.72
C PRO B 38 -6.06 17.93 14.65
N GLU B 39 -5.35 19.01 14.97
CA GLU B 39 -4.29 19.49 14.12
C GLU B 39 -3.29 18.35 13.88
N GLY B 40 -2.79 18.27 12.66
CA GLY B 40 -1.85 17.26 12.26
C GLY B 40 -2.49 16.15 11.47
N GLU B 41 -3.80 15.97 11.63
CA GLU B 41 -4.52 14.90 10.95
C GLU B 41 -4.86 15.35 9.52
N PRO B 42 -4.83 14.41 8.57
CA PRO B 42 -4.91 14.74 7.14
C PRO B 42 -6.08 15.65 6.85
N GLU B 43 -7.25 15.36 7.40
CA GLU B 43 -8.38 16.24 7.16
C GLU B 43 -8.18 17.71 7.58
N THR B 44 -7.57 17.91 8.74
CA THR B 44 -7.40 19.24 9.28
C THR B 44 -6.30 20.02 8.51
N ILE B 45 -5.24 19.32 8.14
CA ILE B 45 -4.22 19.92 7.29
C ILE B 45 -4.87 20.33 5.97
N GLY B 46 -5.76 19.48 5.48
CA GLY B 46 -6.54 19.76 4.28
C GLY B 46 -7.39 21.01 4.38
N MET B 47 -8.06 21.20 5.52
CA MET B 47 -8.85 22.42 5.73
C MET B 47 -7.92 23.69 5.66
N HIS B 48 -6.73 23.57 6.20
CA HIS B 48 -5.79 24.68 6.23
C HIS B 48 -5.27 24.92 4.82
N LEU B 49 -5.07 23.84 4.06
CA LEU B 49 -4.66 23.99 2.68
C LEU B 49 -5.73 24.68 1.89
N PHE B 50 -6.99 24.31 2.15
CA PHE B 50 -8.07 25.02 1.51
C PHE B 50 -7.95 26.52 1.79
N GLY B 51 -7.70 26.87 3.03
CA GLY B 51 -7.61 28.26 3.42
C GLY B 51 -6.46 28.97 2.73
N LYS B 52 -5.32 28.29 2.66
CA LYS B 52 -4.12 28.83 2.03
C LYS B 52 -4.38 29.12 0.54
N TYR B 53 -4.93 28.14 -0.15
CA TYR B 53 -5.17 28.30 -1.58
C TYR B 53 -6.20 29.39 -1.83
N LEU B 54 -7.30 29.38 -1.09
CA LEU B 54 -8.33 30.42 -1.25
C LEU B 54 -7.75 31.82 -1.02
N LYS B 55 -6.92 31.96 0.02
CA LYS B 55 -6.30 33.26 0.29
C LYS B 55 -5.38 33.69 -0.87
N GLU B 56 -4.62 32.75 -1.41
CA GLU B 56 -3.75 33.05 -2.56
C GLU B 56 -4.58 33.52 -3.76
N LEU B 57 -5.45 32.63 -4.20
CA LEU B 57 -6.29 32.88 -5.36
C LEU B 57 -7.07 34.17 -5.23
N SER B 58 -7.61 34.45 -4.05
CA SER B 58 -8.44 35.65 -3.90
C SER B 58 -7.57 36.87 -3.61
N ASN B 59 -6.26 36.71 -3.74
CA ASN B 59 -5.29 37.75 -3.40
C ASN B 59 -5.66 38.45 -2.10
N GLY B 60 -5.93 37.64 -1.09
CA GLY B 60 -6.19 38.11 0.26
C GLY B 60 -7.61 38.54 0.53
N LYS B 61 -8.51 38.41 -0.44
CA LYS B 61 -9.90 38.80 -0.21
C LYS B 61 -10.55 37.96 0.87
N TYR B 62 -10.33 36.65 0.80
CA TYR B 62 -10.91 35.72 1.75
C TYR B 62 -9.87 35.13 2.68
N GLU B 63 -10.25 34.98 3.93
CA GLU B 63 -9.46 34.20 4.87
C GLU B 63 -10.36 33.12 5.43
N VAL B 64 -9.76 32.00 5.80
CA VAL B 64 -10.48 30.86 6.34
C VAL B 64 -9.96 30.64 7.74
N GLN B 65 -10.88 30.64 8.69
CA GLN B 65 -10.64 30.47 10.11
C GLN B 65 -11.06 29.07 10.51
N VAL B 66 -10.11 28.21 10.83
CA VAL B 66 -10.42 26.81 11.10
C VAL B 66 -10.66 26.55 12.60
N PHE B 67 -11.70 25.77 12.87
CA PHE B 67 -12.07 25.30 14.20
C PHE B 67 -12.05 23.78 14.20
N PRO B 68 -10.87 23.22 14.31
CA PRO B 68 -10.76 21.78 14.31
C PRO B 68 -11.15 21.11 15.63
N ASN B 69 -10.99 19.79 15.68
CA ASN B 69 -11.07 19.01 16.91
C ASN B 69 -12.31 19.26 17.71
N SER B 70 -13.44 19.41 17.04
CA SER B 70 -14.68 19.71 17.72
C SER B 70 -14.65 20.99 18.53
N GLN B 71 -13.84 21.97 18.17
CA GLN B 71 -13.82 23.20 18.97
C GLN B 71 -15.16 23.94 19.03
N LEU B 72 -16.03 23.73 18.05
CA LEU B 72 -17.34 24.40 18.02
C LEU B 72 -18.47 23.42 18.31
N GLY B 73 -18.12 22.26 18.88
CA GLY B 73 -19.08 21.20 19.12
C GLY B 73 -18.87 20.07 18.14
N LYS B 74 -19.63 18.99 18.30
CA LYS B 74 -19.40 17.82 17.50
C LYS B 74 -20.23 17.95 16.24
N GLU B 75 -20.29 16.89 15.44
CA GLU B 75 -20.81 16.98 14.08
C GLU B 75 -22.25 17.49 14.03
N ASP B 76 -23.08 16.96 14.91
CA ASP B 76 -24.48 17.29 14.91
C ASP B 76 -24.58 18.79 15.03
N ALA B 77 -23.92 19.35 16.02
CA ALA B 77 -23.97 20.80 16.25
C ALA B 77 -23.38 21.62 15.10
N TYR B 78 -22.20 21.26 14.61
CA TYR B 78 -21.60 22.17 13.69
C TYR B 78 -22.19 22.08 12.31
N ILE B 79 -22.75 20.93 12.00
CA ILE B 79 -23.47 20.74 10.75
C ILE B 79 -24.70 21.63 10.79
N ALA B 80 -25.42 21.69 11.91
CA ALA B 80 -26.56 22.63 11.97
C ALA B 80 -26.10 24.08 11.87
N ALA B 81 -25.00 24.43 12.53
CA ALA B 81 -24.52 25.79 12.48
C ALA B 81 -24.16 26.17 11.05
N THR B 82 -23.71 25.20 10.25
CA THR B 82 -23.32 25.45 8.88
C THR B 82 -24.55 25.61 7.98
N ARG B 83 -25.58 24.81 8.22
CA ARG B 83 -26.77 24.93 7.39
C ARG B 83 -27.46 26.23 7.65
N LYS B 84 -27.37 26.70 8.88
CA LYS B 84 -28.10 27.88 9.29
C LYS B 84 -27.31 29.07 8.80
N GLY B 85 -26.04 28.83 8.48
CA GLY B 85 -25.19 29.90 7.99
C GLY B 85 -24.51 30.69 9.09
N ILE B 86 -24.57 30.17 10.33
CA ILE B 86 -23.86 30.79 11.45
C ILE B 86 -22.36 30.67 11.21
N ILE B 87 -21.94 29.50 10.74
CA ILE B 87 -20.65 29.39 10.10
C ILE B 87 -20.90 28.96 8.64
N GLN B 88 -19.87 29.07 7.81
CA GLN B 88 -20.05 29.02 6.38
C GLN B 88 -19.64 27.68 5.83
N MET B 89 -18.70 26.99 6.50
CA MET B 89 -18.24 25.71 5.99
C MET B 89 -18.01 24.71 7.11
N CYS B 90 -17.98 23.43 6.76
CA CYS B 90 -17.55 22.43 7.72
C CYS B 90 -16.95 21.24 7.00
N ALA B 91 -16.20 20.43 7.75
CA ALA B 91 -15.62 19.21 7.22
C ALA B 91 -16.18 18.01 7.98
N THR B 92 -16.79 17.08 7.23
CA THR B 92 -17.34 15.89 7.84
C THR B 92 -17.60 14.81 6.76
N GLY B 93 -18.11 13.67 7.18
CA GLY B 93 -18.25 12.52 6.32
C GLY B 93 -19.68 12.02 6.31
N THR B 94 -19.87 10.72 6.53
CA THR B 94 -21.20 10.12 6.31
C THR B 94 -22.23 10.46 7.42
N GLN B 95 -21.80 11.22 8.41
CA GLN B 95 -22.72 11.92 9.31
C GLN B 95 -23.86 12.57 8.52
N THR B 96 -23.57 13.10 7.33
CA THR B 96 -24.57 13.77 6.50
C THR B 96 -25.58 12.80 5.90
N SER B 97 -25.36 11.50 6.10
CA SER B 97 -26.39 10.54 5.67
C SER B 97 -27.74 10.88 6.34
N ALA B 98 -27.66 11.64 7.43
CA ALA B 98 -28.82 12.00 8.23
C ALA B 98 -29.74 12.93 7.48
N LEU B 99 -29.19 13.67 6.52
CA LEU B 99 -29.98 14.59 5.73
C LEU B 99 -30.31 14.03 4.37
N HIS B 100 -29.57 13.00 3.96
CA HIS B 100 -29.63 12.44 2.61
C HIS B 100 -28.97 11.06 2.63
N PRO B 101 -29.79 9.99 2.70
CA PRO B 101 -29.22 8.67 2.98
C PRO B 101 -28.20 8.17 1.93
N ALA B 102 -28.23 8.67 0.70
CA ALA B 102 -27.21 8.25 -0.28
C ALA B 102 -25.76 8.58 0.15
N MET B 103 -25.61 9.59 0.99
CA MET B 103 -24.28 9.97 1.46
C MET B 103 -23.61 8.80 2.18
N ALA B 104 -24.39 7.94 2.82
CA ALA B 104 -23.79 6.87 3.60
C ALA B 104 -22.96 5.99 2.67
N MET B 105 -23.33 5.97 1.39
CA MET B 105 -22.63 5.11 0.41
C MET B 105 -21.21 5.59 0.02
N LEU B 106 -20.86 6.81 0.41
CA LEU B 106 -19.46 7.24 0.33
C LEU B 106 -18.53 6.23 1.04
N GLU B 107 -19.06 5.57 2.05
CA GLU B 107 -18.29 4.59 2.82
C GLU B 107 -18.91 3.20 2.77
N THR B 108 -19.45 2.83 1.61
CA THR B 108 -19.92 1.45 1.40
C THR B 108 -18.86 0.44 1.84
N PRO B 109 -19.18 -0.45 2.77
CA PRO B 109 -18.15 -1.40 3.16
C PRO B 109 -17.71 -2.32 2.00
N MET B 110 -16.40 -2.59 1.89
CA MET B 110 -15.81 -3.44 0.83
C MET B 110 -16.01 -2.99 -0.63
N LEU B 111 -16.34 -1.74 -0.88
CA LEU B 111 -16.66 -1.31 -2.24
C LEU B 111 -15.41 -1.02 -3.10
N PHE B 112 -14.31 -0.60 -2.47
CA PHE B 112 -13.10 -0.17 -3.18
C PHE B 112 -11.86 -1.04 -2.92
N ASP B 113 -11.13 -1.36 -3.98
CA ASP B 113 -9.97 -2.23 -3.88
C ASP B 113 -8.80 -1.48 -3.32
N ASN B 114 -8.75 -0.18 -3.56
CA ASN B 114 -7.68 0.64 -3.04
C ASN B 114 -8.00 2.12 -3.17
N LEU B 115 -7.07 2.97 -2.76
CA LEU B 115 -7.28 4.40 -2.78
C LEU B 115 -7.48 4.91 -4.18
N ASP B 116 -6.74 4.38 -5.16
CA ASP B 116 -6.91 4.88 -6.52
C ASP B 116 -8.30 4.55 -7.04
N HIS B 117 -8.82 3.36 -6.73
CA HIS B 117 -10.15 3.01 -7.19
C HIS B 117 -11.15 4.02 -6.60
N ALA B 118 -11.09 4.20 -5.29
CA ALA B 118 -11.98 5.13 -4.66
C ALA B 118 -11.86 6.54 -5.25
N ARG B 119 -10.64 6.99 -5.51
CA ARG B 119 -10.45 8.34 -5.99
C ARG B 119 -11.11 8.53 -7.37
N ARG B 120 -10.95 7.54 -8.24
CA ARG B 120 -11.60 7.54 -9.53
C ARG B 120 -13.09 7.68 -9.35
N ALA B 121 -13.69 6.86 -8.50
CA ALA B 121 -15.12 6.94 -8.30
C ALA B 121 -15.52 8.27 -7.66
N MET B 122 -14.72 8.75 -6.72
CA MET B 122 -15.08 9.95 -5.95
C MET B 122 -14.84 11.20 -6.73
N GLU B 123 -14.04 11.11 -7.79
CA GLU B 123 -13.86 12.26 -8.67
C GLU B 123 -14.74 12.04 -9.92
N GLY B 124 -15.56 11.01 -9.89
CA GLY B 124 -16.30 10.60 -11.06
C GLY B 124 -17.78 10.48 -10.82
N LYS B 125 -18.38 9.52 -11.52
CA LYS B 125 -19.81 9.39 -11.63
C LYS B 125 -20.45 9.01 -10.30
N THR B 126 -19.71 8.26 -9.49
CA THR B 126 -20.25 7.70 -8.25
C THR B 126 -20.60 8.83 -7.29
N PHE B 127 -19.69 9.79 -7.22
CA PHE B 127 -19.86 10.93 -6.36
C PHE B 127 -21.04 11.75 -6.85
N ASP B 128 -21.17 11.87 -8.17
CA ASP B 128 -22.26 12.67 -8.72
C ASP B 128 -23.61 12.02 -8.37
N LEU B 129 -23.72 10.71 -8.58
CA LEU B 129 -24.97 10.01 -8.32
C LEU B 129 -25.35 10.22 -6.87
N ILE B 130 -24.34 10.25 -6.02
CA ILE B 130 -24.53 10.35 -4.58
C ILE B 130 -25.02 11.72 -4.17
N ASN B 131 -24.45 12.78 -4.74
CA ASN B 131 -24.83 14.14 -4.36
C ASN B 131 -26.10 14.67 -5.02
N GLU B 132 -26.55 13.98 -6.06
CA GLU B 132 -27.80 14.34 -6.69
C GLU B 132 -28.90 14.47 -5.67
N GLY B 133 -29.42 15.69 -5.53
CA GLY B 133 -30.52 15.95 -4.61
C GLY B 133 -30.11 16.44 -3.24
N PHE B 134 -28.82 16.30 -2.93
CA PHE B 134 -28.34 16.60 -1.58
C PHE B 134 -28.52 18.05 -1.20
N THR B 135 -28.07 18.96 -2.04
CA THR B 135 -28.15 20.39 -1.70
C THR B 135 -29.59 20.88 -1.51
N GLU B 136 -30.53 20.33 -2.29
CA GLU B 136 -31.89 20.77 -2.14
C GLU B 136 -32.37 20.42 -0.73
N LYS B 137 -31.94 19.27 -0.20
CA LYS B 137 -32.37 18.84 1.14
C LYS B 137 -31.62 19.53 2.28
N SER B 138 -30.33 19.69 2.10
CA SER B 138 -29.46 20.10 3.19
C SER B 138 -29.20 21.58 3.27
N GLY B 139 -29.24 22.25 2.12
CA GLY B 139 -28.75 23.61 2.02
C GLY B 139 -27.23 23.66 2.05
N LEU B 140 -26.57 22.49 2.02
CA LEU B 140 -25.12 22.42 1.93
C LEU B 140 -24.67 22.02 0.52
N ARG B 141 -23.51 22.52 0.10
CA ARG B 141 -22.94 22.14 -1.18
C ARG B 141 -21.68 21.34 -0.89
N THR B 142 -21.63 20.11 -1.40
CA THR B 142 -20.45 19.28 -1.22
C THR B 142 -19.42 19.67 -2.26
N LEU B 143 -18.30 20.23 -1.79
CA LEU B 143 -17.24 20.76 -2.66
C LEU B 143 -16.12 19.84 -3.08
N ASN B 144 -15.90 18.77 -2.34
CA ASN B 144 -14.91 17.78 -2.72
C ASN B 144 -15.13 16.46 -1.99
N ALA B 145 -14.20 15.52 -2.21
CA ALA B 145 -14.18 14.24 -1.50
C ALA B 145 -12.74 13.78 -1.28
N PHE B 146 -12.40 13.44 -0.05
CA PHE B 146 -11.03 13.01 0.24
C PHE B 146 -11.06 11.92 1.30
N PRO B 147 -9.97 11.16 1.38
CA PRO B 147 -9.94 10.05 2.33
C PRO B 147 -9.34 10.51 3.66
N LEU B 148 -9.77 9.86 4.73
CA LEU B 148 -9.03 9.87 6.00
C LEU B 148 -8.29 8.55 6.16
N GLY B 149 -8.70 7.54 5.38
CA GLY B 149 -7.99 6.27 5.31
C GLY B 149 -8.82 5.02 5.57
N PHE B 150 -8.30 3.85 5.18
CA PHE B 150 -8.98 2.59 5.42
C PHE B 150 -8.97 2.33 6.92
N ARG B 151 -10.09 1.84 7.44
CA ARG B 151 -10.24 1.54 8.85
C ARG B 151 -9.60 0.21 9.21
N HIS B 152 -8.88 0.19 10.32
CA HIS B 152 -8.33 -1.04 10.82
C HIS B 152 -8.70 -1.23 12.31
N PHE B 153 -8.86 -2.48 12.73
CA PHE B 153 -9.19 -2.80 14.12
C PHE B 153 -8.04 -2.48 15.06
N TYR B 154 -8.41 -2.00 16.25
CA TYR B 154 -7.47 -1.81 17.37
C TYR B 154 -8.17 -2.39 18.59
N SER B 155 -7.43 -3.14 19.39
CA SER B 155 -8.03 -3.84 20.52
C SER B 155 -6.96 -4.16 21.58
N LYS B 156 -7.42 -4.58 22.74
CA LYS B 156 -6.52 -4.86 23.84
C LYS B 156 -5.73 -6.14 23.60
N LYS B 157 -6.42 -7.12 23.04
CA LYS B 157 -5.87 -8.43 22.74
C LYS B 157 -6.13 -8.76 21.28
N PRO B 158 -5.29 -9.61 20.70
CA PRO B 158 -5.43 -9.88 19.27
C PRO B 158 -6.78 -10.49 18.96
N ILE B 159 -7.25 -10.21 17.75
CA ILE B 159 -8.47 -10.78 17.25
C ILE B 159 -8.04 -11.91 16.31
N LYS B 160 -7.97 -13.12 16.84
CA LYS B 160 -7.43 -14.24 16.06
C LYS B 160 -8.54 -14.86 15.19
N ASP B 161 -9.68 -15.13 15.81
CA ASP B 161 -10.73 -15.90 15.17
C ASP B 161 -12.03 -15.15 15.08
N VAL B 162 -12.95 -15.70 14.31
CA VAL B 162 -14.31 -15.19 14.29
C VAL B 162 -14.92 -15.21 15.68
N LYS B 163 -14.71 -16.29 16.43
CA LYS B 163 -15.11 -16.37 17.84
C LYS B 163 -14.91 -15.08 18.62
N ASP B 164 -13.72 -14.50 18.42
CA ASP B 164 -13.26 -13.35 19.20
C ASP B 164 -13.96 -12.06 18.85
N LEU B 165 -14.34 -11.94 17.58
CA LEU B 165 -14.99 -10.73 17.10
C LEU B 165 -16.46 -10.76 17.53
N GLU B 166 -17.02 -11.96 17.57
CA GLU B 166 -18.42 -12.15 17.93
C GLU B 166 -18.64 -11.72 19.37
N GLY B 167 -19.70 -10.97 19.59
CA GLY B 167 -19.98 -10.39 20.89
C GLY B 167 -18.94 -9.39 21.40
N MET B 168 -17.84 -9.20 20.67
CA MET B 168 -16.77 -8.31 21.14
C MET B 168 -17.30 -6.86 21.27
N ARG B 169 -16.96 -6.22 22.38
CA ARG B 169 -17.47 -4.89 22.71
C ARG B 169 -16.54 -3.83 22.13
N MET B 170 -17.03 -3.05 21.17
CA MET B 170 -16.17 -2.22 20.38
C MET B 170 -16.84 -0.90 20.13
N ARG B 171 -16.10 0.19 20.25
CA ARG B 171 -16.63 1.49 19.84
C ARG B 171 -17.06 1.44 18.41
N VAL B 172 -18.16 2.12 18.17
CA VAL B 172 -18.66 2.33 16.84
C VAL B 172 -19.14 3.77 16.71
N PRO B 173 -18.93 4.39 15.53
CA PRO B 173 -19.49 5.73 15.35
C PRO B 173 -21.03 5.68 15.39
N ASN B 174 -21.67 6.73 15.91
CA ASN B 174 -23.11 6.75 15.98
C ASN B 174 -23.74 7.08 14.64
N ILE B 175 -23.54 6.21 13.65
CA ILE B 175 -24.08 6.46 12.32
C ILE B 175 -24.60 5.15 11.81
N PRO B 176 -25.80 5.15 11.19
CA PRO B 176 -26.44 3.85 10.91
C PRO B 176 -25.57 2.86 10.12
N LEU B 177 -24.83 3.29 9.10
CA LEU B 177 -24.00 2.35 8.38
C LEU B 177 -22.99 1.65 9.29
N TYR B 178 -22.51 2.33 10.32
CA TYR B 178 -21.50 1.74 11.20
C TYR B 178 -22.12 0.75 12.20
N THR B 179 -23.27 1.12 12.77
CA THR B 179 -23.86 0.27 13.80
C THR B 179 -24.37 -1.01 13.12
N ASN B 180 -24.88 -0.83 11.91
CA ASN B 180 -25.34 -1.93 11.09
C ASN B 180 -24.23 -2.85 10.60
N PHE B 181 -23.10 -2.30 10.20
CA PHE B 181 -21.96 -3.13 9.83
C PHE B 181 -21.40 -3.95 11.02
N ALA B 182 -21.36 -3.32 12.19
CA ALA B 182 -21.00 -4.04 13.40
C ALA B 182 -21.96 -5.21 13.67
N LYS B 183 -23.26 -4.94 13.58
CA LYS B 183 -24.29 -5.98 13.74
C LYS B 183 -23.97 -7.21 12.86
N GLU B 184 -23.84 -6.97 11.57
CA GLU B 184 -23.45 -8.02 10.60
C GLU B 184 -22.14 -8.73 10.90
N CYS B 185 -21.20 -8.05 11.54
CA CYS B 185 -19.94 -8.66 11.90
C CYS B 185 -20.14 -9.52 13.17
N GLY B 186 -21.24 -9.30 13.89
CA GLY B 186 -21.45 -9.93 15.19
C GLY B 186 -20.87 -9.12 16.34
N ILE B 187 -20.19 -8.03 16.00
CA ILE B 187 -19.63 -7.15 17.05
C ILE B 187 -20.75 -6.53 17.85
N SER B 188 -20.54 -6.39 19.16
CA SER B 188 -21.49 -5.66 19.98
C SER B 188 -21.06 -4.21 19.96
N GLY B 189 -21.61 -3.44 19.02
CA GLY B 189 -21.25 -2.04 18.83
C GLY B 189 -21.72 -1.10 19.94
N GLN B 190 -20.83 -0.20 20.35
CA GLN B 190 -21.09 0.76 21.42
C GLN B 190 -20.90 2.18 20.90
N PRO B 191 -22.00 2.88 20.58
CA PRO B 191 -21.84 4.14 19.87
C PRO B 191 -21.43 5.28 20.77
N MET B 192 -20.49 6.09 20.31
CA MET B 192 -19.93 7.18 21.08
C MET B 192 -18.94 7.90 20.15
N PRO B 193 -18.53 9.13 20.52
CA PRO B 193 -17.51 9.93 19.81
C PRO B 193 -16.13 9.31 19.90
N PHE B 194 -15.31 9.50 18.88
CA PHE B 194 -13.95 8.94 18.86
C PHE B 194 -13.13 9.46 20.06
N ALA B 195 -13.29 10.73 20.37
CA ALA B 195 -12.53 11.34 21.48
C ALA B 195 -12.78 10.63 22.82
N GLU B 196 -13.91 9.94 22.93
CA GLU B 196 -14.29 9.32 24.20
C GLU B 196 -13.73 7.90 24.34
N VAL B 197 -13.12 7.39 23.28
CA VAL B 197 -12.74 5.99 23.30
C VAL B 197 -11.64 5.71 24.34
N PRO B 198 -10.64 6.61 24.48
CA PRO B 198 -9.67 6.20 25.49
C PRO B 198 -10.32 6.09 26.87
N GLY B 199 -11.20 7.03 27.18
CA GLY B 199 -11.92 7.06 28.44
C GLY B 199 -12.64 5.74 28.61
N ALA B 200 -13.40 5.34 27.59
CA ALA B 200 -14.24 4.17 27.70
C ALA B 200 -13.37 2.92 27.85
N LEU B 201 -12.25 2.93 27.15
CA LEU B 201 -11.34 1.79 27.20
C LEU B 201 -10.87 1.57 28.64
N ASP B 202 -10.66 2.69 29.34
CA ASP B 202 -10.25 2.69 30.75
C ASP B 202 -11.43 2.41 31.67
N GLN B 203 -12.62 2.92 31.33
CA GLN B 203 -13.85 2.58 32.05
C GLN B 203 -14.10 1.07 31.85
N GLY B 204 -13.39 0.46 30.89
CA GLY B 204 -13.52 -0.95 30.57
C GLY B 204 -14.81 -1.31 29.86
N VAL B 205 -15.52 -0.30 29.38
CA VAL B 205 -16.80 -0.47 28.68
C VAL B 205 -16.62 -1.08 27.28
N ILE B 206 -15.43 -0.89 26.71
CA ILE B 206 -15.12 -1.39 25.37
C ILE B 206 -13.72 -1.99 25.36
N ASP B 207 -13.44 -2.82 24.35
CA ASP B 207 -12.15 -3.46 24.24
C ASP B 207 -11.36 -2.96 23.02
N GLY B 208 -11.99 -2.12 22.22
CA GLY B 208 -11.32 -1.53 21.07
C GLY B 208 -12.32 -0.96 20.10
N GLY B 209 -11.91 -0.80 18.84
CA GLY B 209 -12.76 -0.22 17.80
C GLY B 209 -12.06 -0.40 16.48
N ASP B 210 -12.40 0.43 15.50
CA ASP B 210 -11.72 0.40 14.24
C ASP B 210 -11.73 1.81 13.69
N SER B 211 -10.56 2.25 13.23
CA SER B 211 -10.35 3.60 12.77
C SER B 211 -9.24 3.62 11.73
N PRO B 212 -9.19 4.70 10.94
CA PRO B 212 -8.04 4.94 10.07
C PRO B 212 -6.76 5.04 10.90
N LEU B 213 -5.65 4.65 10.31
CA LEU B 213 -4.39 4.68 11.04
C LEU B 213 -4.08 6.09 11.58
N ALA B 214 -4.43 7.15 10.85
CA ALA B 214 -4.06 8.48 11.35
C ALA B 214 -4.74 8.72 12.69
N ASP B 215 -6.00 8.31 12.83
CA ASP B 215 -6.77 8.51 14.06
C ASP B 215 -6.23 7.63 15.19
N ILE B 216 -5.92 6.37 14.87
CA ILE B 216 -5.29 5.50 15.86
C ILE B 216 -4.02 6.11 16.47
N VAL B 217 -3.17 6.71 15.66
CA VAL B 217 -1.91 7.29 16.16
C VAL B 217 -2.09 8.68 16.78
N SER B 218 -3.07 9.42 16.33
CA SER B 218 -3.30 10.77 16.84
C SER B 218 -3.62 10.77 18.31
N LEU B 219 -4.26 9.71 18.77
CA LEU B 219 -4.61 9.57 20.18
C LEU B 219 -3.67 8.59 20.87
N LYS B 220 -2.57 8.23 20.20
CA LYS B 220 -1.66 7.21 20.72
C LYS B 220 -2.44 6.02 21.25
N MET B 221 -3.42 5.60 20.48
CA MET B 221 -4.27 4.53 20.93
C MET B 221 -3.46 3.28 21.22
N TYR B 222 -2.37 3.10 20.48
CA TYR B 222 -1.59 1.87 20.56
C TYR B 222 -1.05 1.63 21.99
N GLU B 223 -0.95 2.70 22.77
CA GLU B 223 -0.52 2.60 24.17
C GLU B 223 -1.50 1.78 24.98
N ILE B 224 -2.77 1.87 24.63
CA ILE B 224 -3.84 1.24 25.40
C ILE B 224 -4.34 -0.05 24.73
N THR B 225 -4.50 0.00 23.42
CA THR B 225 -4.87 -1.17 22.62
C THR B 225 -3.76 -1.45 21.60
N PRO B 226 -2.79 -2.30 21.96
CA PRO B 226 -1.57 -2.50 21.18
C PRO B 226 -1.70 -3.38 19.94
N GLU B 227 -2.84 -4.04 19.78
CA GLU B 227 -3.00 -5.01 18.73
C GLU B 227 -3.79 -4.37 17.59
N ILE B 228 -3.13 -4.11 16.49
CA ILE B 228 -3.74 -3.51 15.33
C ILE B 228 -3.92 -4.58 14.29
N SER B 229 -5.13 -4.68 13.74
CA SER B 229 -5.46 -5.68 12.72
C SER B 229 -5.86 -5.05 11.37
N LEU B 230 -5.00 -5.22 10.38
CA LEU B 230 -5.28 -4.64 9.08
C LEU B 230 -6.50 -5.35 8.53
N SER B 231 -7.59 -4.62 8.33
CA SER B 231 -8.79 -5.16 7.71
C SER B 231 -9.21 -4.30 6.53
N GLY B 232 -9.24 -2.99 6.75
CA GLY B 232 -9.59 -2.07 5.69
C GLY B 232 -10.96 -2.28 5.07
N HIS B 233 -11.90 -2.71 5.90
CA HIS B 233 -13.30 -2.91 5.50
C HIS B 233 -14.06 -1.66 5.02
N ILE B 234 -13.67 -0.48 5.50
CA ILE B 234 -14.30 0.79 5.10
C ILE B 234 -13.20 1.82 4.88
N LEU B 235 -13.32 2.59 3.81
CA LEU B 235 -12.45 3.69 3.53
C LEU B 235 -13.19 4.98 3.93
N VAL B 236 -12.70 5.65 4.97
CA VAL B 236 -13.35 6.85 5.44
C VAL B 236 -13.17 7.92 4.39
N ILE B 237 -14.28 8.56 4.01
CA ILE B 237 -14.27 9.65 3.02
C ILE B 237 -14.98 10.87 3.64
N HIS B 238 -14.33 12.04 3.63
CA HIS B 238 -14.96 13.25 4.15
C HIS B 238 -14.98 14.27 3.05
N SER B 239 -15.69 15.37 3.26
CA SER B 239 -15.71 16.49 2.34
C SER B 239 -15.75 17.82 3.03
N LEU B 240 -15.38 18.84 2.28
CA LEU B 240 -15.68 20.20 2.66
C LEU B 240 -17.07 20.54 2.16
N TYR B 241 -17.89 20.98 3.08
CA TYR B 241 -19.24 21.45 2.79
C TYR B 241 -19.27 22.95 3.01
N ILE B 242 -20.09 23.63 2.22
CA ILE B 242 -20.25 25.06 2.32
C ILE B 242 -21.73 25.42 2.26
N ASN B 243 -22.12 26.39 3.08
CA ASN B 243 -23.49 26.88 3.04
C ASN B 243 -23.83 27.35 1.61
N ASP B 244 -24.86 26.74 1.01
CA ASP B 244 -25.12 26.96 -0.41
C ASP B 244 -25.60 28.37 -0.65
N LYS B 245 -26.42 28.85 0.27
CA LYS B 245 -26.93 30.20 0.17
C LYS B 245 -25.79 31.22 0.24
N PHE B 246 -24.81 30.93 1.08
CA PHE B 246 -23.64 31.78 1.15
C PHE B 246 -22.81 31.65 -0.12
N PHE B 247 -22.68 30.42 -0.62
CA PHE B 247 -21.82 30.16 -1.75
C PHE B 247 -22.30 30.97 -2.94
N LYS B 248 -23.60 30.87 -3.21
CA LYS B 248 -24.21 31.49 -4.38
C LYS B 248 -24.36 33.02 -4.23
N SER B 249 -24.28 33.51 -2.99
CA SER B 249 -24.30 34.94 -2.69
C SER B 249 -23.02 35.66 -3.13
N LEU B 250 -21.99 34.88 -3.47
CA LEU B 250 -20.71 35.43 -3.91
C LEU B 250 -20.67 35.56 -5.42
N PRO B 251 -19.89 36.53 -5.95
CA PRO B 251 -19.62 36.61 -7.39
C PRO B 251 -19.05 35.29 -7.94
N GLU B 252 -19.28 35.02 -9.22
CA GLU B 252 -18.82 33.77 -9.84
C GLU B 252 -17.31 33.52 -9.75
N GLN B 253 -16.52 34.58 -9.90
CA GLN B 253 -15.07 34.43 -9.81
C GLN B 253 -14.76 33.85 -8.43
N ASP B 254 -15.45 34.35 -7.40
CA ASP B 254 -15.18 33.94 -6.02
C ASP B 254 -15.59 32.49 -5.80
N GLN B 255 -16.71 32.10 -6.39
CA GLN B 255 -17.15 30.71 -6.32
C GLN B 255 -16.10 29.77 -6.92
N LYS B 256 -15.44 30.22 -7.99
CA LYS B 256 -14.49 29.38 -8.70
C LYS B 256 -13.20 29.26 -7.94
N TRP B 257 -12.86 30.30 -7.20
CA TRP B 257 -11.71 30.26 -6.31
C TRP B 257 -11.95 29.18 -5.27
N ILE B 258 -13.17 29.18 -4.71
CA ILE B 258 -13.49 28.26 -3.63
C ILE B 258 -13.45 26.82 -4.18
N GLU B 259 -14.02 26.62 -5.36
CA GLU B 259 -14.02 25.28 -5.98
C GLU B 259 -12.62 24.85 -6.31
N GLU B 260 -11.79 25.77 -6.79
CA GLU B 260 -10.41 25.39 -7.10
C GLU B 260 -9.65 25.00 -5.81
N ALA B 261 -9.82 25.81 -4.78
CA ALA B 261 -9.15 25.60 -3.49
C ALA B 261 -9.56 24.25 -2.87
N ALA B 262 -10.81 23.91 -3.04
CA ALA B 262 -11.35 22.61 -2.61
C ALA B 262 -10.76 21.44 -3.40
N LYS B 263 -10.66 21.58 -4.72
CA LYS B 263 -10.10 20.46 -5.50
C LYS B 263 -8.62 20.26 -5.15
N ARG B 264 -7.89 21.35 -5.13
CA ARG B 264 -6.45 21.31 -4.85
C ARG B 264 -6.19 20.76 -3.47
N SER B 265 -6.92 21.19 -2.45
CA SER B 265 -6.60 20.66 -1.13
C SER B 265 -6.96 19.19 -1.09
N ALA B 266 -8.05 18.82 -1.76
CA ALA B 266 -8.51 17.42 -1.69
C ALA B 266 -7.44 16.57 -2.33
N ASP B 267 -6.94 17.02 -3.48
CA ASP B 267 -5.80 16.35 -4.16
C ASP B 267 -4.64 16.13 -3.21
N ASP B 268 -4.29 17.17 -2.47
CA ASP B 268 -3.20 17.10 -1.50
C ASP B 268 -3.44 15.97 -0.51
N VAL B 269 -4.70 15.82 -0.07
CA VAL B 269 -5.04 14.84 0.98
C VAL B 269 -5.01 13.41 0.41
N TRP B 270 -5.52 13.22 -0.82
CA TRP B 270 -5.38 11.90 -1.44
C TRP B 270 -3.92 11.49 -1.43
N ALA B 271 -3.05 12.43 -1.76
CA ALA B 271 -1.59 12.18 -1.82
C ALA B 271 -0.89 11.99 -0.47
N MET B 272 -1.47 12.50 0.61
CA MET B 272 -0.94 12.45 1.97
C MET B 272 -1.17 11.11 2.62
N VAL B 273 -2.35 10.54 2.37
CA VAL B 273 -2.86 9.48 3.23
C VAL B 273 -2.10 8.19 3.04
N ALA B 274 -1.75 7.88 1.80
CA ALA B 274 -0.91 6.72 1.55
C ALA B 274 0.37 6.91 2.35
N ASP B 275 0.99 8.07 2.16
CA ASP B 275 2.26 8.36 2.82
C ASP B 275 2.14 8.29 4.34
N GLY B 276 1.09 8.90 4.88
CA GLY B 276 0.82 8.88 6.31
C GLY B 276 0.63 7.49 6.92
N ASP B 277 -0.15 6.62 6.26
CA ASP B 277 -0.40 5.30 6.80
C ASP B 277 0.95 4.54 7.01
N GLU B 278 1.89 4.72 6.08
CA GLU B 278 3.21 4.09 6.20
C GLU B 278 3.92 4.57 7.48
N LYS B 279 3.96 5.89 7.68
CA LYS B 279 4.57 6.46 8.89
C LYS B 279 3.84 6.05 10.19
N ALA B 280 2.50 6.04 10.16
CA ALA B 280 1.68 5.53 11.26
C ALA B 280 2.04 4.10 11.63
N LYS B 281 2.22 3.23 10.63
CA LYS B 281 2.54 1.82 10.93
C LYS B 281 3.93 1.69 11.55
N ALA B 282 4.88 2.49 11.06
CA ALA B 282 6.19 2.61 11.71
C ALA B 282 6.09 3.08 13.17
N THR B 283 5.31 4.13 13.41
CA THR B 283 5.16 4.65 14.75
C THR B 283 4.61 3.57 15.68
N ILE B 284 3.63 2.83 15.20
CA ILE B 284 3.03 1.73 15.96
C ILE B 284 4.07 0.67 16.29
N LEU B 285 4.85 0.26 15.28
CA LEU B 285 5.81 -0.81 15.49
C LEU B 285 6.92 -0.36 16.44
N ALA B 286 7.28 0.90 16.34
CA ALA B 286 8.37 1.44 17.13
C ALA B 286 7.94 1.65 18.57
N ASN B 287 6.63 1.60 18.85
CA ASN B 287 6.13 1.78 20.22
C ASN B 287 5.36 0.61 20.80
N LYS B 288 5.91 -0.58 20.62
CA LYS B 288 5.44 -1.81 21.24
C LYS B 288 4.09 -2.33 20.74
N GLY B 289 3.55 -1.69 19.70
CA GLY B 289 2.33 -2.18 19.12
C GLY B 289 2.64 -3.30 18.12
N ASN B 290 1.67 -4.16 17.88
CA ASN B 290 1.82 -5.23 16.90
C ASN B 290 0.76 -5.09 15.83
N ILE B 291 1.10 -5.48 14.60
CA ILE B 291 0.23 -5.32 13.46
C ILE B 291 -0.01 -6.71 12.91
N HIS B 292 -1.28 -7.10 12.82
CA HIS B 292 -1.68 -8.44 12.45
C HIS B 292 -2.41 -8.51 11.09
N GLU B 293 -2.23 -9.64 10.40
CA GLU B 293 -3.04 -9.98 9.23
C GLU B 293 -4.11 -10.95 9.70
N PRO B 294 -5.38 -10.60 9.50
CA PRO B 294 -6.47 -11.55 9.80
C PRO B 294 -6.32 -12.89 9.08
N SER B 295 -6.81 -13.96 9.72
CA SER B 295 -6.91 -15.30 9.10
C SER B 295 -7.81 -15.30 7.90
N LYS B 296 -7.65 -16.28 7.02
CA LYS B 296 -8.59 -16.50 5.91
C LYS B 296 -10.05 -16.48 6.36
N GLU B 297 -10.36 -17.16 7.47
CA GLU B 297 -11.74 -17.24 7.96
C GLU B 297 -12.24 -15.90 8.48
N LEU B 298 -11.40 -15.20 9.22
CA LEU B 298 -11.74 -13.88 9.68
C LEU B 298 -11.89 -12.94 8.48
N HIS B 299 -10.99 -13.00 7.51
CA HIS B 299 -11.16 -12.13 6.36
C HIS B 299 -12.51 -12.38 5.68
N GLU B 300 -12.85 -13.64 5.47
CA GLU B 300 -14.08 -13.96 4.72
C GLU B 300 -15.29 -13.54 5.49
N HIS B 301 -15.19 -13.66 6.81
CA HIS B 301 -16.25 -13.25 7.70
C HIS B 301 -16.53 -11.78 7.48
N LEU B 302 -15.48 -11.01 7.28
CA LEU B 302 -15.63 -9.57 7.26
C LEU B 302 -16.24 -9.17 5.95
N VAL B 303 -15.70 -9.77 4.89
CA VAL B 303 -16.18 -9.53 3.55
C VAL B 303 -17.68 -9.82 3.48
N ASN B 304 -18.09 -10.97 3.97
CA ASN B 304 -19.53 -11.29 3.88
C ASN B 304 -20.43 -10.41 4.78
N ALA B 305 -19.95 -10.05 5.95
CA ALA B 305 -20.66 -9.08 6.79
C ALA B 305 -20.83 -7.77 6.01
N GLY B 306 -19.78 -7.36 5.31
CA GLY B 306 -19.80 -6.16 4.50
C GLY B 306 -20.88 -6.21 3.44
N LYS B 307 -20.89 -7.25 2.63
CA LYS B 307 -21.97 -7.41 1.65
C LYS B 307 -23.36 -7.39 2.29
N ARG B 308 -23.54 -8.17 3.36
CA ARG B 308 -24.86 -8.21 3.98
C ARG B 308 -25.28 -6.79 4.37
N SER B 309 -24.31 -5.97 4.76
N SER B 309 -24.30 -5.96 4.75
CA SER B 309 -24.59 -4.62 5.25
CA SER B 309 -24.62 -4.63 5.27
C SER B 309 -25.20 -3.73 4.17
C SER B 309 -25.15 -3.69 4.17
N TRP B 310 -24.96 -4.08 2.92
CA TRP B 310 -25.48 -3.30 1.79
C TRP B 310 -27.03 -3.21 1.83
N LYS B 311 -27.65 -4.17 2.51
CA LYS B 311 -29.10 -4.17 2.72
C LYS B 311 -29.62 -2.85 3.23
N LEU B 312 -28.80 -2.15 4.02
CA LEU B 312 -29.20 -0.85 4.52
C LEU B 312 -29.37 0.12 3.35
N PHE B 313 -28.47 0.03 2.39
CA PHE B 313 -28.54 0.92 1.23
C PHE B 313 -29.70 0.54 0.28
N TYR B 314 -29.83 -0.75 0.01
CA TYR B 314 -30.96 -1.18 -0.78
C TYR B 314 -32.25 -0.63 -0.17
N ASP B 315 -32.30 -0.51 1.15
CA ASP B 315 -33.50 -0.08 1.86
C ASP B 315 -33.79 1.42 1.84
N THR B 316 -32.76 2.23 1.97
CA THR B 316 -32.95 3.65 2.23
C THR B 316 -32.58 4.56 1.06
N VAL B 317 -32.02 3.98 0.01
CA VAL B 317 -31.49 4.75 -1.11
C VAL B 317 -32.09 4.26 -2.44
N PRO B 318 -33.07 5.01 -2.97
CA PRO B 318 -33.75 4.66 -4.23
C PRO B 318 -32.79 4.16 -5.31
N ASN B 319 -31.67 4.87 -5.49
CA ASN B 319 -30.72 4.51 -6.54
C ASN B 319 -29.47 3.74 -6.06
N ALA B 320 -29.58 2.95 -5.00
CA ALA B 320 -28.43 2.21 -4.50
C ALA B 320 -27.71 1.38 -5.57
N GLN B 321 -28.43 0.56 -6.33
CA GLN B 321 -27.73 -0.30 -7.26
C GLN B 321 -27.02 0.51 -8.29
N ALA B 322 -27.60 1.65 -8.65
CA ALA B 322 -26.97 2.48 -9.70
C ALA B 322 -25.58 2.91 -9.21
N ILE B 323 -25.51 3.25 -7.94
CA ILE B 323 -24.27 3.68 -7.31
C ILE B 323 -23.25 2.56 -7.18
N LEU B 324 -23.69 1.38 -6.81
CA LEU B 324 -22.77 0.27 -6.67
C LEU B 324 -22.18 -0.08 -8.03
N ASP B 325 -23.02 -0.05 -9.07
CA ASP B 325 -22.59 -0.31 -10.44
C ASP B 325 -21.60 0.74 -10.90
N SER B 326 -21.90 2.00 -10.59
CA SER B 326 -20.99 3.07 -10.91
C SER B 326 -19.57 2.84 -10.35
N ALA B 327 -19.47 2.60 -9.04
CA ALA B 327 -18.18 2.34 -8.38
C ALA B 327 -17.45 1.16 -9.02
N ASP B 328 -18.19 0.08 -9.26
CA ASP B 328 -17.64 -1.11 -9.88
C ASP B 328 -17.03 -0.78 -11.23
N SER B 329 -17.66 0.17 -11.92
CA SER B 329 -17.26 0.53 -13.26
C SER B 329 -15.91 1.23 -13.29
N TYR B 330 -15.46 1.70 -12.13
CA TYR B 330 -14.15 2.34 -11.98
C TYR B 330 -13.11 1.35 -11.50
N ARG B 331 -13.57 0.16 -11.14
CA ARG B 331 -12.67 -0.91 -10.76
C ARG B 331 -11.84 -1.18 -12.02
N GLU B 332 -10.53 -1.24 -11.88
CA GLU B 332 -9.74 -1.51 -13.05
C GLU B 332 -9.64 -3.02 -13.24
N SER B 333 -9.27 -3.43 -14.45
CA SER B 333 -9.42 -4.81 -14.87
C SER B 333 -8.80 -5.83 -13.91
N LYS B 334 -9.51 -6.96 -13.78
CA LYS B 334 -9.10 -8.05 -12.90
C LYS B 334 -7.77 -8.68 -13.31
N ALA B 335 -7.72 -10.02 -13.36
CA ALA B 335 -6.61 -10.74 -13.95
C ALA B 335 -5.41 -10.69 -13.01
N GLU B 336 -4.23 -11.17 -13.42
CA GLU B 336 -4.01 -11.99 -14.61
C GLU B 336 -3.55 -13.36 -14.13
N ASN B 337 -3.19 -13.40 -12.86
CA ASN B 337 -2.06 -14.19 -12.38
C ASN B 337 -1.41 -15.04 -13.47
N LEU B 338 -0.47 -14.42 -14.19
CA LEU B 338 0.30 -15.11 -15.24
C LEU B 338 1.32 -16.09 -14.66
N TYR B 339 1.63 -15.92 -13.38
CA TYR B 339 2.63 -16.72 -12.66
C TYR B 339 1.91 -17.65 -11.67
I IOD C . -1.38 -6.19 -3.20
I IOD D . 31.97 -8.04 0.70
I IOD E . 13.13 -16.94 -18.76
I IOD F . 21.70 7.16 -11.04
I IOD G . 10.48 -31.57 7.31
I IOD H . 0.82 -20.58 -6.78
I IOD I . -0.17 -14.21 -4.15
I IOD J . 12.36 -29.07 -3.55
I IOD K . 13.59 -30.19 0.35
I IOD L . 31.67 -20.84 1.08
I IOD M . 13.93 -14.24 19.51
I IOD N . 13.04 -1.19 13.14
I IOD O . 10.85 -0.46 15.28
O1 G3P P . 16.76 -7.15 -6.08
C1 G3P P . 16.70 -5.78 -6.29
C2 G3P P . 15.41 -5.42 -7.04
O2 G3P P . 14.30 -5.86 -6.29
C3 G3P P . 15.34 -3.90 -7.25
O1P G3P P . 14.57 -3.64 -8.38
O4P G3P P . 12.41 -4.43 -7.56
O2P G3P P . 13.05 -2.00 -7.18
O3P G3P P . 12.43 -2.78 -9.47
P G3P P . 13.03 -3.18 -8.12
I IOD Q . 0.67 -10.93 -13.49
I IOD R . -6.08 20.59 18.15
I IOD S . -6.02 31.58 5.65
I IOD T . -14.16 43.60 -3.23
I IOD U . -3.80 3.34 1.21
I IOD V . -22.97 9.55 20.60
I IOD W . -2.88 21.49 10.80
I IOD X . -0.41 28.70 -2.99
I IOD Y . -31.52 9.03 -1.04
I IOD Z . -25.75 34.39 3.28
O1 G3P AA . -17.38 9.78 7.83
C1 G3P AA . -17.68 8.93 8.96
C2 G3P AA . -16.51 8.85 9.95
O2 G3P AA . -16.03 10.16 10.07
C3 G3P AA . -17.00 8.36 11.32
O1P G3P AA . -16.00 7.65 12.01
O4P G3P AA . -14.49 9.62 12.59
O2P G3P AA . -16.32 9.03 14.03
O3P G3P AA . -14.29 7.45 13.78
P G3P AA . -15.24 8.46 13.18
#